data_6XVT
#
_entry.id   6XVT
#
_cell.length_a   34.650
_cell.length_b   44.280
_cell.length_c   43.160
_cell.angle_alpha   60.849
_cell.angle_beta   84.037
_cell.angle_gamma   84.005
#
_symmetry.space_group_name_H-M   'P 1'
#
loop_
_entity.id
_entity.type
_entity.pdbx_description
1 polymer 'Protein enabled homolog'
2 polymer ACY-SC1-SC2-SC3-SC4-SC5-NME
3 non-polymer 'NITRATE ION'
4 non-polymer 'SULFATE ION'
5 water water
#
loop_
_entity_poly.entity_id
_entity_poly.type
_entity_poly.pdbx_seq_one_letter_code
_entity_poly.pdbx_strand_id
1 'polypeptide(L)'
;GSMSEQSICQARAAVMVYDDANKKWVPAGGSTGFSRVHIYHHTGNNTFRVVGRKIQDHQVVINCAIPKGLKYNQATQTFH
QWRDARQVYGLNFGSKEDANVFASAMMHALEVL
;
A,B
2 'polypeptide(L)' (ACE)(2L5)PPP(9PR) G,H
#
loop_
_chem_comp.id
_chem_comp.type
_chem_comp.name
_chem_comp.formula
9PR peptide-like N-methyl-L-prolinamide 'C6 H12 N2 O'
ACE non-polymer 'ACETYL GROUP' 'C2 H4 O'
NO3 non-polymer 'NITRATE ION' 'N O3 -1'
SO4 non-polymer 'SULFATE ION' 'O4 S -2'
#
# COMPACT_ATOMS: atom_id res chain seq x y z
N SER A 2 -18.71 15.15 -12.72
CA SER A 2 -20.08 15.38 -12.20
C SER A 2 -21.07 14.34 -12.74
N MET A 3 -20.84 13.91 -13.98
CA MET A 3 -21.80 13.04 -14.64
C MET A 3 -21.69 11.59 -14.18
N SER A 4 -20.49 11.13 -13.82
CA SER A 4 -20.27 9.72 -13.53
C SER A 4 -20.02 9.41 -12.07
N GLU A 5 -19.84 10.42 -11.22
CA GLU A 5 -19.50 10.19 -9.82
C GLU A 5 -20.44 10.97 -8.90
N GLN A 6 -20.75 10.37 -7.77
CA GLN A 6 -21.54 11.03 -6.72
C GLN A 6 -20.74 11.00 -5.42
N SER A 7 -20.78 12.11 -4.70
CA SER A 7 -20.13 12.18 -3.41
C SER A 7 -20.98 11.43 -2.38
N ILE A 8 -20.34 10.54 -1.62
CA ILE A 8 -21.02 9.81 -0.56
C ILE A 8 -20.66 10.30 0.83
N CYS A 9 -19.71 11.23 0.95
CA CYS A 9 -19.49 11.88 2.23
C CYS A 9 -18.62 13.12 2.03
N GLN A 10 -18.64 13.99 3.03
CA GLN A 10 -17.75 15.13 3.13
C GLN A 10 -17.28 15.20 4.58
N ALA A 11 -15.97 15.25 4.78
CA ALA A 11 -15.43 15.32 6.13
C ALA A 11 -14.25 16.28 6.18
N ARG A 12 -14.10 16.96 7.32
CA ARG A 12 -13.04 17.93 7.51
C ARG A 12 -11.81 17.23 8.10
N ALA A 13 -10.67 17.36 7.41
CA ALA A 13 -9.45 16.74 7.90
C ALA A 13 -8.24 17.45 7.33
N ALA A 14 -7.14 17.43 8.08
CA ALA A 14 -5.83 17.77 7.55
C ALA A 14 -5.26 16.50 6.94
N VAL A 15 -5.03 16.55 5.64
CA VAL A 15 -4.58 15.39 4.89
C VAL A 15 -3.07 15.35 4.91
N MET A 16 -2.51 14.18 5.24
N MET A 16 -2.51 14.18 5.25
CA MET A 16 -1.07 14.03 5.35
CA MET A 16 -1.08 14.00 5.39
C MET A 16 -0.62 12.77 4.62
C MET A 16 -0.63 12.78 4.58
N VAL A 17 0.66 12.76 4.27
CA VAL A 17 1.29 11.58 3.66
C VAL A 17 2.57 11.32 4.43
N TYR A 18 2.97 10.05 4.48
CA TYR A 18 4.11 9.67 5.29
C TYR A 18 5.34 9.70 4.40
N ASP A 19 6.33 10.45 4.84
CA ASP A 19 7.64 10.51 4.17
C ASP A 19 8.51 9.39 4.73
N ASP A 20 8.48 8.24 4.05
N ASP A 20 8.48 8.21 4.12
CA ASP A 20 9.20 7.06 4.52
CA ASP A 20 9.23 7.13 4.75
C ASP A 20 10.68 7.35 4.68
C ASP A 20 10.73 7.37 4.73
N ALA A 21 11.24 8.17 3.78
CA ALA A 21 12.67 8.44 3.78
C ALA A 21 13.10 9.21 5.02
N ASN A 22 12.27 10.14 5.49
CA ASN A 22 12.55 10.93 6.68
C ASN A 22 11.79 10.44 7.91
N LYS A 23 10.93 9.44 7.76
CA LYS A 23 10.15 8.89 8.87
C LYS A 23 9.34 9.98 9.56
N LYS A 24 8.60 10.74 8.75
CA LYS A 24 7.83 11.87 9.25
C LYS A 24 6.58 12.02 8.41
N TRP A 25 5.49 12.45 9.04
CA TRP A 25 4.30 12.85 8.28
C TRP A 25 4.52 14.24 7.70
N VAL A 26 3.98 14.45 6.50
CA VAL A 26 4.08 15.75 5.83
C VAL A 26 2.71 16.15 5.30
N PRO A 27 2.41 17.45 5.20
CA PRO A 27 1.11 17.86 4.64
C PRO A 27 0.96 17.44 3.19
N ALA A 28 -0.19 16.86 2.87
CA ALA A 28 -0.47 16.49 1.50
C ALA A 28 -0.58 17.74 0.66
N GLY A 29 0.04 17.74 -0.51
CA GLY A 29 0.04 18.89 -1.36
C GLY A 29 1.00 19.98 -0.99
N GLY A 30 1.69 19.86 0.14
CA GLY A 30 2.78 20.76 0.47
C GLY A 30 2.49 21.82 1.50
N SER A 31 1.24 22.04 1.89
N SER A 31 1.24 22.03 1.89
CA SER A 31 0.95 23.10 2.86
CA SER A 31 0.94 23.09 2.85
C SER A 31 -0.07 22.63 3.89
C SER A 31 -0.05 22.60 3.89
N THR A 32 0.21 22.97 5.14
CA THR A 32 -0.57 22.47 6.26
C THR A 32 -1.89 23.22 6.36
N GLY A 33 -2.94 22.49 6.66
CA GLY A 33 -4.24 23.09 6.85
C GLY A 33 -5.33 22.10 6.50
N PHE A 34 -6.56 22.48 6.81
CA PHE A 34 -7.68 21.56 6.69
C PHE A 34 -8.27 21.55 5.29
N SER A 35 -8.76 20.38 4.89
CA SER A 35 -9.40 20.15 3.61
C SER A 35 -10.80 19.59 3.82
N ARG A 36 -11.62 19.73 2.79
CA ARG A 36 -12.88 19.01 2.69
C ARG A 36 -12.61 17.75 1.89
N VAL A 37 -12.78 16.60 2.51
CA VAL A 37 -12.41 15.31 1.93
C VAL A 37 -13.67 14.53 1.60
N HIS A 38 -13.81 14.18 0.34
CA HIS A 38 -14.92 13.37 -0.14
C HIS A 38 -14.47 11.95 -0.41
N ILE A 39 -15.41 11.03 -0.35
CA ILE A 39 -15.33 9.78 -1.10
C ILE A 39 -16.33 9.88 -2.23
N TYR A 40 -15.87 9.67 -3.45
CA TYR A 40 -16.70 9.71 -4.64
C TYR A 40 -16.90 8.30 -5.16
N HIS A 41 -18.15 8.00 -5.52
CA HIS A 41 -18.55 6.71 -6.05
C HIS A 41 -18.80 6.87 -7.54
N HIS A 42 -18.02 6.17 -8.37
CA HIS A 42 -18.31 6.06 -9.80
C HIS A 42 -19.37 4.99 -9.92
N THR A 43 -20.62 5.42 -10.16
CA THR A 43 -21.74 4.50 -10.07
C THR A 43 -21.77 3.49 -11.20
N GLY A 44 -21.25 3.86 -12.37
CA GLY A 44 -21.28 2.94 -13.50
C GLY A 44 -20.38 1.73 -13.31
N ASN A 45 -19.17 1.95 -12.77
CA ASN A 45 -18.20 0.88 -12.58
C ASN A 45 -18.13 0.39 -11.13
N ASN A 46 -18.87 1.02 -10.23
CA ASN A 46 -18.82 0.70 -8.80
C ASN A 46 -17.41 0.77 -8.25
N THR A 47 -16.73 1.88 -8.53
CA THR A 47 -15.43 2.17 -7.97
C THR A 47 -15.51 3.43 -7.12
N PHE A 48 -14.52 3.60 -6.25
CA PHE A 48 -14.51 4.67 -5.26
C PHE A 48 -13.13 5.31 -5.23
N ARG A 49 -13.09 6.60 -4.94
CA ARG A 49 -11.83 7.30 -4.72
C ARG A 49 -12.00 8.38 -3.66
N VAL A 50 -10.91 8.72 -3.00
CA VAL A 50 -10.85 9.79 -2.01
C VAL A 50 -10.29 11.03 -2.70
N VAL A 51 -11.05 12.14 -2.63
CA VAL A 51 -10.63 13.41 -3.18
C VAL A 51 -10.80 14.48 -2.10
N GLY A 52 -9.72 15.19 -1.79
CA GLY A 52 -9.76 16.25 -0.80
C GLY A 52 -9.19 17.54 -1.35
N ARG A 53 -9.83 18.65 -0.98
N ARG A 53 -9.82 18.65 -0.98
CA ARG A 53 -9.42 19.97 -1.45
CA ARG A 53 -9.41 19.97 -1.44
C ARG A 53 -9.27 20.90 -0.25
C ARG A 53 -9.26 20.89 -0.25
N LYS A 54 -8.17 21.66 -0.24
N LYS A 54 -8.17 21.67 -0.25
CA LYS A 54 -7.92 22.61 0.84
CA LYS A 54 -7.93 22.62 0.83
C LYS A 54 -9.04 23.62 0.92
C LYS A 54 -9.09 23.60 0.92
N ILE A 55 -9.52 23.88 2.14
CA ILE A 55 -10.60 24.85 2.35
C ILE A 55 -10.20 26.21 1.84
N GLN A 56 -8.97 26.64 2.12
CA GLN A 56 -8.55 28.02 1.86
C GLN A 56 -8.42 28.31 0.38
N ASP A 57 -7.70 27.47 -0.36
CA ASP A 57 -7.36 27.79 -1.74
C ASP A 57 -7.79 26.73 -2.74
N HIS A 58 -8.49 25.69 -2.31
CA HIS A 58 -9.16 24.73 -3.19
C HIS A 58 -8.18 23.76 -3.83
N GLN A 59 -6.91 23.76 -3.43
CA GLN A 59 -5.95 22.81 -4.00
C GLN A 59 -6.40 21.39 -3.72
N VAL A 60 -6.36 20.56 -4.77
CA VAL A 60 -6.57 19.12 -4.58
C VAL A 60 -5.32 18.55 -3.93
N VAL A 61 -5.47 18.01 -2.72
CA VAL A 61 -4.32 17.49 -1.98
C VAL A 61 -4.33 15.98 -1.90
N ILE A 62 -5.41 15.32 -2.29
CA ILE A 62 -5.47 13.87 -2.34
C ILE A 62 -6.47 13.47 -3.41
N ASN A 63 -6.12 12.42 -4.14
CA ASN A 63 -6.93 11.90 -5.23
C ASN A 63 -6.46 10.47 -5.43
N CYS A 64 -6.98 9.55 -4.63
N CYS A 64 -7.07 9.55 -4.69
CA CYS A 64 -6.47 8.19 -4.64
CA CYS A 64 -6.53 8.21 -4.48
C CYS A 64 -7.61 7.19 -4.68
C CYS A 64 -7.64 7.17 -4.64
N ALA A 65 -7.42 6.16 -5.48
CA ALA A 65 -8.38 5.08 -5.60
C ALA A 65 -8.46 4.31 -4.29
N ILE A 66 -9.66 3.78 -4.01
CA ILE A 66 -9.89 2.88 -2.89
C ILE A 66 -10.00 1.48 -3.47
N PRO A 67 -8.95 0.65 -3.43
CA PRO A 67 -9.04 -0.68 -4.03
C PRO A 67 -9.76 -1.66 -3.13
N LYS A 68 -10.40 -2.64 -3.76
CA LYS A 68 -11.03 -3.71 -3.00
C LYS A 68 -10.00 -4.37 -2.10
N GLY A 69 -10.39 -4.61 -0.86
CA GLY A 69 -9.52 -5.26 0.11
C GLY A 69 -8.66 -4.33 0.93
N LEU A 70 -8.76 -3.02 0.72
CA LEU A 70 -7.98 -2.05 1.47
C LEU A 70 -8.12 -2.27 2.96
N LYS A 71 -7.00 -2.18 3.67
CA LYS A 71 -6.99 -2.20 5.13
C LYS A 71 -6.98 -0.76 5.63
N TYR A 72 -8.10 -0.34 6.20
CA TYR A 72 -8.27 1.01 6.72
C TYR A 72 -8.03 0.98 8.22
N ASN A 73 -7.02 1.70 8.69
CA ASN A 73 -6.59 1.64 10.08
C ASN A 73 -7.12 2.87 10.81
N GLN A 74 -7.99 2.64 11.78
CA GLN A 74 -8.48 3.73 12.63
C GLN A 74 -7.57 3.77 13.86
N ALA A 75 -6.42 4.42 13.69
CA ALA A 75 -5.40 4.43 14.73
C ALA A 75 -5.94 5.06 16.01
N THR A 76 -6.61 6.19 15.88
CA THR A 76 -7.33 6.83 16.98
C THR A 76 -8.71 7.25 16.50
N GLN A 77 -9.49 7.82 17.41
CA GLN A 77 -10.82 8.29 17.04
C GLN A 77 -10.78 9.48 16.09
N THR A 78 -9.64 10.17 15.95
CA THR A 78 -9.56 11.31 15.06
C THR A 78 -8.41 11.22 14.06
N PHE A 79 -7.70 10.10 13.98
CA PHE A 79 -6.65 9.94 12.97
C PHE A 79 -6.73 8.54 12.36
N HIS A 80 -7.05 8.49 11.07
CA HIS A 80 -7.16 7.24 10.34
C HIS A 80 -6.16 7.26 9.18
N GLN A 81 -5.82 6.08 8.69
CA GLN A 81 -4.73 5.98 7.74
C GLN A 81 -4.90 4.72 6.90
N TRP A 82 -4.28 4.73 5.73
CA TRP A 82 -4.23 3.54 4.88
C TRP A 82 -3.02 3.68 3.97
N ARG A 83 -2.78 2.64 3.20
CA ARG A 83 -1.61 2.61 2.33
C ARG A 83 -2.02 2.11 0.95
N ASP A 84 -1.22 2.47 -0.04
CA ASP A 84 -1.23 1.71 -1.28
C ASP A 84 0.20 1.36 -1.62
N ALA A 85 0.43 0.88 -2.84
CA ALA A 85 1.76 0.48 -3.27
C ALA A 85 2.72 1.65 -3.35
N ARG A 86 2.18 2.89 -3.36
CA ARG A 86 2.95 4.10 -3.62
C ARG A 86 3.04 5.07 -2.45
N GLN A 87 2.04 5.12 -1.57
CA GLN A 87 1.96 6.15 -0.54
C GLN A 87 1.30 5.58 0.71
N VAL A 88 1.57 6.22 1.85
CA VAL A 88 0.78 6.04 3.06
C VAL A 88 0.07 7.36 3.33
N TYR A 89 -1.26 7.29 3.49
CA TYR A 89 -2.10 8.47 3.67
C TYR A 89 -2.63 8.51 5.08
N GLY A 90 -2.77 9.71 5.62
CA GLY A 90 -3.37 9.91 6.92
C GLY A 90 -4.34 11.07 6.87
N LEU A 91 -5.42 10.94 7.65
CA LEU A 91 -6.40 12.01 7.79
C LEU A 91 -6.48 12.36 9.26
N ASN A 92 -6.09 13.59 9.59
CA ASN A 92 -6.23 14.14 10.94
C ASN A 92 -7.55 14.89 10.94
N PHE A 93 -8.59 14.24 11.41
CA PHE A 93 -9.93 14.79 11.30
C PHE A 93 -10.12 15.96 12.27
N GLY A 94 -10.98 16.91 11.87
CA GLY A 94 -11.24 18.07 12.71
C GLY A 94 -12.09 17.77 13.92
N SER A 95 -12.79 16.65 13.91
CA SER A 95 -13.62 16.27 15.05
C SER A 95 -13.87 14.77 14.97
N LYS A 96 -14.31 14.19 16.10
CA LYS A 96 -14.73 12.79 16.10
C LYS A 96 -15.89 12.57 15.13
N GLU A 97 -16.77 13.56 15.04
CA GLU A 97 -17.92 13.43 14.13
C GLU A 97 -17.46 13.32 12.67
N ASP A 98 -16.44 14.11 12.30
CA ASP A 98 -15.91 14.00 10.95
C ASP A 98 -15.28 12.63 10.72
N ALA A 99 -14.52 12.13 11.70
CA ALA A 99 -13.91 10.81 11.57
C ALA A 99 -14.97 9.74 11.37
N ASN A 100 -16.07 9.83 12.11
CA ASN A 100 -17.12 8.84 12.01
C ASN A 100 -17.79 8.90 10.66
N VAL A 101 -18.08 10.10 10.16
CA VAL A 101 -18.69 10.24 8.84
C VAL A 101 -17.79 9.60 7.78
N PHE A 102 -16.52 9.92 7.80
CA PHE A 102 -15.64 9.40 6.76
C PHE A 102 -15.44 7.90 6.88
N ALA A 103 -15.16 7.40 8.09
CA ALA A 103 -14.96 5.97 8.27
C ALA A 103 -16.21 5.19 7.87
N SER A 104 -17.39 5.68 8.23
N SER A 104 -17.39 5.67 8.25
CA SER A 104 -18.61 4.96 7.88
CA SER A 104 -18.63 4.99 7.87
C SER A 104 -18.74 4.83 6.36
C SER A 104 -18.71 4.82 6.36
N ALA A 105 -18.43 5.89 5.62
CA ALA A 105 -18.50 5.83 4.16
C ALA A 105 -17.40 4.95 3.60
N MET A 106 -16.20 5.01 4.19
CA MET A 106 -15.11 4.13 3.76
C MET A 106 -15.47 2.67 3.97
N MET A 107 -16.00 2.34 5.15
CA MET A 107 -16.36 0.95 5.43
C MET A 107 -17.48 0.50 4.51
N HIS A 108 -18.40 1.40 4.18
CA HIS A 108 -19.45 1.07 3.23
C HIS A 108 -18.85 0.74 1.86
N ALA A 109 -17.97 1.61 1.37
CA ALA A 109 -17.31 1.37 0.09
C ALA A 109 -16.57 0.04 0.08
N LEU A 110 -15.87 -0.27 1.16
CA LEU A 110 -15.10 -1.51 1.22
C LEU A 110 -15.99 -2.75 1.26
N GLU A 111 -17.22 -2.62 1.73
CA GLU A 111 -18.16 -3.73 1.78
C GLU A 111 -18.79 -4.00 0.41
N VAL A 112 -19.08 -2.95 -0.36
CA VAL A 112 -19.76 -3.11 -1.64
C VAL A 112 -18.80 -3.27 -2.81
N LEU A 113 -17.52 -2.99 -2.62
CA LEU A 113 -16.53 -3.23 -3.64
C LEU A 113 -16.42 -4.70 -4.01
N GLU B 5 2.98 -16.56 -19.28
CA GLU B 5 3.89 -15.70 -18.53
C GLU B 5 5.30 -16.30 -18.58
N GLN B 6 6.31 -15.45 -18.59
CA GLN B 6 7.69 -15.89 -18.54
C GLN B 6 8.34 -15.44 -17.25
N SER B 7 9.11 -16.34 -16.64
CA SER B 7 9.89 -15.99 -15.46
C SER B 7 11.06 -15.12 -15.88
N ILE B 8 11.24 -13.99 -15.20
CA ILE B 8 12.37 -13.10 -15.45
C ILE B 8 13.43 -13.15 -14.37
N CYS B 9 13.17 -13.87 -13.28
CA CYS B 9 14.22 -14.13 -12.31
C CYS B 9 13.77 -15.26 -11.37
N GLN B 10 14.75 -15.82 -10.68
CA GLN B 10 14.52 -16.77 -9.60
C GLN B 10 15.47 -16.39 -8.48
N ALA B 11 14.95 -16.18 -7.27
CA ALA B 11 15.81 -15.84 -6.15
C ALA B 11 15.38 -16.60 -4.90
N ARG B 12 16.36 -16.89 -4.05
CA ARG B 12 16.10 -17.62 -2.80
C ARG B 12 15.83 -16.63 -1.68
N ALA B 13 14.67 -16.75 -1.05
CA ALA B 13 14.32 -15.86 0.05
C ALA B 13 13.31 -16.54 0.96
N ALA B 14 13.37 -16.17 2.24
CA ALA B 14 12.30 -16.49 3.17
C ALA B 14 11.28 -15.36 3.05
N VAL B 15 10.09 -15.72 2.59
CA VAL B 15 9.03 -14.76 2.32
C VAL B 15 8.23 -14.52 3.60
N MET B 16 8.03 -13.25 3.93
N MET B 16 8.04 -13.26 3.96
CA MET B 16 7.37 -12.86 5.16
CA MET B 16 7.38 -12.92 5.22
C MET B 16 6.29 -11.83 4.88
C MET B 16 6.42 -11.75 5.01
N VAL B 17 5.37 -11.70 5.85
CA VAL B 17 4.38 -10.63 5.82
C VAL B 17 4.34 -10.00 7.20
N TYR B 18 3.97 -8.72 7.28
CA TYR B 18 4.03 -7.99 8.53
C TYR B 18 2.66 -8.08 9.16
N ASP B 19 2.63 -8.55 10.40
CA ASP B 19 1.40 -8.62 11.19
C ASP B 19 1.26 -7.26 11.86
N ASP B 20 0.52 -6.35 11.23
CA ASP B 20 0.41 -5.00 11.76
C ASP B 20 -0.21 -4.98 13.15
N ALA B 21 -1.10 -5.94 13.44
CA ALA B 21 -1.78 -5.93 14.73
C ALA B 21 -0.84 -6.26 15.87
N ASN B 22 0.02 -7.27 15.68
CA ASN B 22 0.97 -7.65 16.71
C ASN B 22 2.37 -7.11 16.45
N LYS B 23 2.57 -6.37 15.35
CA LYS B 23 3.81 -5.66 15.11
C LYS B 23 4.98 -6.64 15.03
N LYS B 24 4.83 -7.64 14.17
CA LYS B 24 5.77 -8.73 14.03
C LYS B 24 5.77 -9.18 12.57
N TRP B 25 6.92 -9.58 12.05
CA TRP B 25 6.95 -10.30 10.79
C TRP B 25 6.53 -11.74 11.04
N VAL B 26 5.81 -12.31 10.09
CA VAL B 26 5.42 -13.71 10.17
C VAL B 26 5.69 -14.40 8.84
N PRO B 27 5.96 -15.70 8.84
CA PRO B 27 6.22 -16.40 7.58
C PRO B 27 5.00 -16.38 6.66
N ALA B 28 5.25 -16.04 5.39
CA ALA B 28 4.18 -16.09 4.41
C ALA B 28 3.72 -17.53 4.21
N GLY B 29 2.41 -17.73 4.17
CA GLY B 29 1.86 -19.05 4.03
C GLY B 29 1.80 -19.86 5.30
N GLY B 30 2.36 -19.37 6.40
CA GLY B 30 2.21 -20.03 7.68
C GLY B 30 3.39 -20.84 8.17
N SER B 31 4.41 -21.10 7.34
N SER B 31 4.42 -21.06 7.35
CA SER B 31 5.53 -21.91 7.81
CA SER B 31 5.53 -21.90 7.79
C SER B 31 6.85 -21.31 7.38
C SER B 31 6.87 -21.33 7.37
N THR B 32 7.80 -21.30 8.32
CA THR B 32 9.09 -20.69 8.12
C THR B 32 9.96 -21.54 7.22
N GLY B 33 10.70 -20.88 6.36
CA GLY B 33 11.65 -21.57 5.49
C GLY B 33 11.79 -20.82 4.19
N PHE B 34 12.76 -21.26 3.40
CA PHE B 34 13.11 -20.55 2.17
C PHE B 34 12.27 -21.01 1.00
N SER B 35 12.03 -20.07 0.09
CA SER B 35 11.26 -20.28 -1.11
C SER B 35 12.09 -19.87 -2.32
N ARG B 36 11.72 -20.41 -3.48
CA ARG B 36 12.20 -19.90 -4.76
C ARG B 36 11.18 -18.88 -5.24
N VAL B 37 11.61 -17.63 -5.36
CA VAL B 37 10.73 -16.50 -5.65
C VAL B 37 11.02 -16.01 -7.06
N HIS B 38 9.99 -16.01 -7.90
CA HIS B 38 10.06 -15.51 -9.27
C HIS B 38 9.36 -14.16 -9.39
N ILE B 39 9.77 -13.40 -10.39
CA ILE B 39 8.91 -12.41 -11.02
C ILE B 39 8.52 -12.96 -12.39
N TYR B 40 7.21 -13.02 -12.64
CA TYR B 40 6.67 -13.48 -13.91
C TYR B 40 6.13 -12.29 -14.68
N HIS B 41 6.44 -12.25 -15.97
CA HIS B 41 5.97 -11.20 -16.87
C HIS B 41 4.93 -11.79 -17.81
N HIS B 42 3.70 -11.28 -17.75
CA HIS B 42 2.69 -11.59 -18.75
C HIS B 42 2.93 -10.68 -19.94
N THR B 43 3.50 -11.23 -21.01
CA THR B 43 3.95 -10.41 -22.14
C THR B 43 2.77 -9.81 -22.90
N GLY B 44 1.62 -10.48 -22.90
CA GLY B 44 0.48 -9.95 -23.62
C GLY B 44 -0.10 -8.69 -23.02
N ASN B 45 -0.18 -8.65 -21.69
CA ASN B 45 -0.75 -7.51 -20.96
C ASN B 45 0.32 -6.59 -20.39
N ASN B 46 1.60 -6.96 -20.50
CA ASN B 46 2.70 -6.22 -19.88
C ASN B 46 2.43 -6.00 -18.39
N THR B 47 2.08 -7.07 -17.70
CA THR B 47 1.92 -7.05 -16.26
C THR B 47 2.93 -7.99 -15.62
N PHE B 48 3.18 -7.77 -14.34
CA PHE B 48 4.19 -8.53 -13.61
C PHE B 48 3.61 -8.95 -12.26
N ARG B 49 4.05 -10.11 -11.77
CA ARG B 49 3.67 -10.55 -10.44
C ARG B 49 4.83 -11.30 -9.80
N VAL B 50 4.84 -11.29 -8.47
CA VAL B 50 5.80 -12.05 -7.66
C VAL B 50 5.11 -13.34 -7.25
N VAL B 51 5.73 -14.48 -7.57
CA VAL B 51 5.25 -15.79 -7.15
C VAL B 51 6.40 -16.55 -6.51
N GLY B 52 6.19 -17.01 -5.28
CA GLY B 52 7.20 -17.79 -4.57
C GLY B 52 6.63 -19.07 -4.03
N ARG B 53 7.44 -20.13 -4.09
CA ARG B 53 7.03 -21.44 -3.63
C ARG B 53 8.08 -22.01 -2.69
N LYS B 54 7.62 -22.58 -1.58
N LYS B 54 7.62 -22.59 -1.59
CA LYS B 54 8.51 -23.19 -0.61
CA LYS B 54 8.51 -23.21 -0.60
C LYS B 54 9.33 -24.29 -1.28
C LYS B 54 9.33 -24.29 -1.27
N ILE B 55 10.64 -24.27 -1.04
CA ILE B 55 11.52 -25.30 -1.60
C ILE B 55 11.08 -26.69 -1.11
N GLN B 56 10.72 -26.81 0.17
CA GLN B 56 10.49 -28.13 0.75
C GLN B 56 9.23 -28.78 0.19
N ASP B 57 8.10 -28.08 0.23
CA ASP B 57 6.82 -28.71 -0.09
C ASP B 57 6.06 -28.03 -1.20
N HIS B 58 6.63 -27.02 -1.85
CA HIS B 58 6.08 -26.41 -3.08
C HIS B 58 4.89 -25.51 -2.82
N GLN B 59 4.56 -25.22 -1.57
CA GLN B 59 3.42 -24.34 -1.28
C GLN B 59 3.67 -22.96 -1.88
N VAL B 60 2.65 -22.44 -2.57
CA VAL B 60 2.71 -21.05 -3.00
C VAL B 60 2.51 -20.16 -1.77
N VAL B 61 3.53 -19.37 -1.44
CA VAL B 61 3.47 -18.52 -0.26
C VAL B 61 3.28 -17.06 -0.59
N ILE B 62 3.46 -16.68 -1.85
CA ILE B 62 3.23 -15.31 -2.29
C ILE B 62 2.83 -15.35 -3.76
N ASN B 63 1.86 -14.51 -4.11
CA ASN B 63 1.33 -14.42 -5.46
C ASN B 63 0.72 -13.04 -5.53
N CYS B 64 1.52 -12.03 -5.80
N CYS B 64 1.54 -12.04 -5.87
CA CYS B 64 1.01 -10.67 -5.71
CA CYS B 64 1.25 -10.63 -5.68
C CYS B 64 1.45 -9.85 -6.92
C CYS B 64 1.49 -9.88 -6.97
N ALA B 65 0.55 -9.00 -7.35
CA ALA B 65 0.77 -8.16 -8.51
C ALA B 65 1.78 -7.07 -8.17
N ILE B 66 2.55 -6.68 -9.18
CA ILE B 66 3.47 -5.54 -9.07
C ILE B 66 2.85 -4.37 -9.83
N PRO B 67 2.19 -3.42 -9.15
CA PRO B 67 1.56 -2.32 -9.87
C PRO B 67 2.57 -1.25 -10.28
N LYS B 68 2.23 -0.55 -11.36
CA LYS B 68 3.01 0.60 -11.80
C LYS B 68 3.12 1.59 -10.65
N GLY B 69 4.33 2.09 -10.41
CA GLY B 69 4.55 3.06 -9.36
C GLY B 69 4.90 2.48 -8.01
N LEU B 70 4.96 1.17 -7.88
CA LEU B 70 5.30 0.54 -6.61
C LEU B 70 6.60 1.12 -6.05
N LYS B 71 6.60 1.36 -4.75
CA LYS B 71 7.81 1.76 -4.03
C LYS B 71 8.43 0.51 -3.40
N TYR B 72 9.56 0.07 -3.95
CA TYR B 72 10.26 -1.11 -3.49
C TYR B 72 11.39 -0.63 -2.58
N ASN B 73 11.36 -1.04 -1.32
CA ASN B 73 12.31 -0.55 -0.33
C ASN B 73 13.38 -1.58 -0.10
N GLN B 74 14.62 -1.25 -0.45
CA GLN B 74 15.77 -2.11 -0.18
C GLN B 74 16.31 -1.71 1.19
N ALA B 75 15.65 -2.24 2.23
CA ALA B 75 15.95 -1.83 3.60
C ALA B 75 17.39 -2.15 3.96
N THR B 76 17.83 -3.37 3.64
CA THR B 76 19.22 -3.77 3.78
C THR B 76 19.63 -4.48 2.50
N GLN B 77 20.91 -4.88 2.44
CA GLN B 77 21.37 -5.61 1.26
C GLN B 77 20.77 -7.01 1.13
N THR B 78 20.16 -7.54 2.20
CA THR B 78 19.53 -8.86 2.13
C THR B 78 18.07 -8.87 2.56
N PHE B 79 17.45 -7.71 2.80
CA PHE B 79 16.03 -7.67 3.14
C PHE B 79 15.36 -6.51 2.41
N HIS B 80 14.44 -6.85 1.51
CA HIS B 80 13.67 -5.88 0.75
C HIS B 80 12.18 -6.09 1.04
N GLN B 81 11.39 -5.06 0.80
CA GLN B 81 9.99 -5.08 1.21
C GLN B 81 9.19 -4.10 0.36
N TRP B 82 7.89 -4.34 0.28
CA TRP B 82 6.98 -3.43 -0.41
C TRP B 82 5.59 -3.65 0.18
N ARG B 83 4.62 -2.85 -0.29
CA ARG B 83 3.28 -2.89 0.25
C ARG B 83 2.25 -2.94 -0.88
N ASP B 84 1.08 -3.42 -0.55
CA ASP B 84 -0.13 -3.13 -1.32
C ASP B 84 -1.16 -2.54 -0.35
N ALA B 85 -2.40 -2.41 -0.81
CA ALA B 85 -3.44 -1.82 0.03
C ALA B 85 -3.75 -2.68 1.25
N ARG B 86 -3.35 -3.94 1.27
CA ARG B 86 -3.72 -4.83 2.35
C ARG B 86 -2.57 -5.39 3.16
N GLN B 87 -1.38 -5.53 2.58
CA GLN B 87 -0.32 -6.25 3.27
C GLN B 87 1.03 -5.59 3.01
N VAL B 88 1.97 -5.85 3.91
CA VAL B 88 3.38 -5.54 3.70
C VAL B 88 4.13 -6.86 3.52
N TYR B 89 4.87 -6.95 2.42
CA TYR B 89 5.61 -8.16 2.07
C TYR B 89 7.08 -7.92 2.29
N GLY B 90 7.78 -8.93 2.76
CA GLY B 90 9.21 -8.84 2.94
C GLY B 90 9.90 -10.08 2.41
N LEU B 91 11.08 -9.88 1.85
CA LEU B 91 11.91 -10.98 1.36
C LEU B 91 13.23 -10.94 2.11
N ASN B 92 13.49 -11.96 2.92
CA ASN B 92 14.78 -12.15 3.58
C ASN B 92 15.61 -13.05 2.68
N PHE B 93 16.47 -12.45 1.87
CA PHE B 93 17.17 -13.20 0.84
C PHE B 93 18.25 -14.10 1.45
N GLY B 94 18.49 -15.23 0.78
CA GLY B 94 19.48 -16.17 1.26
C GLY B 94 20.91 -15.70 1.07
N SER B 95 21.12 -14.73 0.19
CA SER B 95 22.43 -14.17 -0.05
C SER B 95 22.28 -12.80 -0.69
N LYS B 96 23.36 -12.02 -0.66
CA LYS B 96 23.40 -10.73 -1.35
C LYS B 96 23.16 -10.91 -2.84
N GLU B 97 23.69 -11.99 -3.42
CA GLU B 97 23.50 -12.22 -4.86
C GLU B 97 22.04 -12.46 -5.18
N ASP B 98 21.32 -13.19 -4.33
CA ASP B 98 19.89 -13.40 -4.56
C ASP B 98 19.13 -12.07 -4.48
N ALA B 99 19.46 -11.24 -3.49
CA ALA B 99 18.84 -9.92 -3.39
C ALA B 99 19.09 -9.10 -4.64
N ASN B 100 20.32 -9.16 -5.17
CA ASN B 100 20.66 -8.39 -6.36
C ASN B 100 19.90 -8.89 -7.58
N VAL B 101 19.79 -10.21 -7.73
CA VAL B 101 19.03 -10.77 -8.84
C VAL B 101 17.58 -10.30 -8.78
N PHE B 102 16.98 -10.42 -7.61
CA PHE B 102 15.57 -10.07 -7.50
C PHE B 102 15.36 -8.57 -7.70
N ALA B 103 16.14 -7.76 -7.00
CA ALA B 103 15.97 -6.31 -7.10
C ALA B 103 16.17 -5.83 -8.53
N SER B 104 17.16 -6.39 -9.23
N SER B 104 17.19 -6.38 -9.21
CA SER B 104 17.38 -5.97 -10.61
CA SER B 104 17.40 -6.04 -10.62
C SER B 104 16.17 -6.28 -11.49
C SER B 104 16.14 -6.26 -11.43
N ALA B 105 15.53 -7.44 -11.27
CA ALA B 105 14.34 -7.77 -12.05
C ALA B 105 13.16 -6.89 -11.66
N MET B 106 13.01 -6.63 -10.35
CA MET B 106 11.95 -5.75 -9.87
C MET B 106 12.11 -4.34 -10.44
N MET B 107 13.33 -3.79 -10.35
CA MET B 107 13.55 -2.45 -10.87
C MET B 107 13.34 -2.42 -12.38
N HIS B 108 13.66 -3.50 -13.07
CA HIS B 108 13.34 -3.57 -14.50
C HIS B 108 11.83 -3.53 -14.72
N ALA B 109 11.09 -4.38 -14.01
CA ALA B 109 9.65 -4.37 -14.15
C ALA B 109 9.08 -2.98 -13.91
N LEU B 110 9.57 -2.29 -12.87
CA LEU B 110 9.02 -0.98 -12.53
C LEU B 110 9.35 0.09 -13.57
N GLU B 111 10.41 -0.10 -14.34
CA GLU B 111 10.79 0.85 -15.39
C GLU B 111 9.95 0.67 -16.65
N VAL B 112 9.60 -0.58 -17.00
CA VAL B 112 8.84 -0.84 -18.22
C VAL B 112 7.34 -0.81 -17.99
N LEU B 113 6.89 -0.86 -16.74
CA LEU B 113 5.49 -0.65 -16.43
C LEU B 113 5.12 0.79 -16.79
C ACE C 1 1.74 -0.75 8.58
O ACE C 1 1.46 -0.35 7.46
CH3 ACE C 1 2.22 -2.16 8.77
H1 ACE C 1 1.93 -2.52 9.76
H2 ACE C 1 1.79 -2.80 8.01
H3 ACE C 1 3.31 -2.18 8.70
CL 2L5 C 2 -1.09 2.78 7.33
C15 2L5 C 2 -1.59 1.28 8.02
C19 2L5 C 2 -2.47 0.53 7.27
C18 2L5 C 2 -2.96 -0.67 7.76
C17 2L5 C 2 -2.55 -1.11 9.01
C16 2L5 C 2 -1.66 -0.34 9.77
C14 2L5 C 2 -1.16 0.86 9.27
C13 2L5 C 2 -0.31 1.59 10.06
CA 2L5 C 2 1.18 1.38 9.60
N 2L5 C 2 1.64 0.00 9.70
C 2L5 C 2 1.93 2.27 10.57
O 2L5 C 2 2.09 1.98 11.76
H1 2L5 C 2 -2.79 0.88 6.28
H20 2L5 C 2 -3.67 -1.27 7.18
H3 2L5 C 2 -2.93 -2.04 9.40
H4 2L5 C 2 -1.35 -0.70 10.75
H5 2L5 C 2 -0.42 1.27 11.09
H6 2L5 C 2 -0.56 2.64 9.97
HA 2L5 C 2 1.32 1.63 8.56
H 2L5 C 2 1.90 -0.37 10.59
N PRO C 3 2.31 3.44 10.10
CA PRO C 3 3.03 4.39 10.89
C PRO C 3 2.46 5.07 11.97
N PRO C 4 3.12 5.31 13.09
CA PRO C 4 2.42 6.01 14.11
C PRO C 4 1.89 7.30 13.95
N PRO C 5 0.70 7.64 14.44
CA PRO C 5 0.23 9.01 14.24
C PRO C 5 1.10 10.11 14.42
C 9PR C 6 1.41 12.80 15.25
N 9PR C 6 0.93 11.25 13.77
O 9PR C 6 0.25 12.63 15.66
CA 9PR C 6 1.88 12.40 13.98
CB 9PR C 6 1.44 13.30 12.75
CD 9PR C 6 0.09 11.60 12.67
CG 9PR C 6 -0.02 13.13 12.87
C1 9PR C 6 2.12 13.80 17.40
N1 9PR C 6 2.38 13.31 16.03
HA 9PR C 6 2.96 12.31 13.94
HB 9PR C 6 1.75 14.34 12.88
HBA 9PR C 6 1.83 12.92 11.81
HD 9PR C 6 -0.89 11.12 12.73
HDA 9PR C 6 0.55 11.35 11.71
HG 9PR C 6 -0.41 13.42 13.84
HGA 9PR C 6 -0.58 13.65 12.08
H1 9PR C 6 2.84 13.36 18.09
HN1 9PR C 6 3.31 13.42 15.67
C ACE D 1 6.22 2.38 5.41
O ACE D 1 5.45 1.69 4.74
CH3 ACE D 1 5.90 3.86 5.61
H1 ACE D 1 5.30 3.98 6.51
H2 ACE D 1 5.36 4.25 4.76
H3 ACE D 1 6.83 4.42 5.74
CL 2L5 D 2 7.16 -1.58 3.15
C15 2L5 D 2 7.80 -0.09 2.63
C19 2L5 D 2 7.52 0.32 1.34
C18 2L5 D 2 8.05 1.52 0.88
C17 2L5 D 2 8.85 2.29 1.70
C16 2L5 D 2 9.12 1.87 3.00
C14 2L5 D 2 8.58 0.68 3.48
C13 2L5 D 2 8.91 0.31 4.76
CA 2L5 D 2 7.76 0.56 5.78
N 2L5 D 2 7.37 1.96 5.93
C 2L5 D 2 8.36 0.04 7.08
O 2L5 D 2 9.19 0.70 7.71
H1 2L5 D 2 6.89 -0.29 0.69
H20 2L5 D 2 7.85 1.86 -0.15
H3 2L5 D 2 9.28 3.23 1.34
H4 2L5 D 2 9.76 2.48 3.65
H5 2L5 D 2 9.79 0.87 5.08
H6 2L5 D 2 9.15 -0.76 4.76
HA 2L5 D 2 6.84 0.08 5.46
H 2L5 D 2 7.95 2.58 6.46
N PRO D 3 7.86 -1.10 7.54
CA PRO D 3 8.33 -1.72 8.76
C PRO D 3 9.72 -1.94 9.00
N PRO D 4 10.26 -2.04 10.21
CA PRO D 4 11.75 -2.28 10.42
C PRO D 4 11.80 -3.68 10.09
N PRO D 5 12.94 -4.14 9.52
CA PRO D 5 13.29 -5.56 9.06
C PRO D 5 13.47 -6.19 10.32
C 9PR D 6 14.82 -8.68 11.55
N 9PR D 6 13.32 -7.54 10.30
O 9PR D 6 15.61 -8.31 10.68
CA 9PR D 6 13.43 -8.58 11.40
CB 9PR D 6 12.77 -9.84 10.67
CD 9PR D 6 12.89 -8.37 9.16
CG 9PR D 6 13.50 -9.76 9.37
C1 9PR D 6 14.30 -9.61 13.80
N1 9PR D 6 15.23 -9.18 12.74
HA 9PR D 6 12.91 -8.41 12.34
HB 9PR D 6 12.98 -10.78 11.20
HBA 9PR D 6 11.69 -9.73 10.55
HD 9PR D 6 13.25 -7.94 8.22
HDA 9PR D 6 11.80 -8.43 9.12
HG 9PR D 6 14.59 -9.75 9.48
HGA 9PR D 6 13.21 -10.50 8.64
H1 9PR D 6 13.82 -10.54 13.51
HN1 9PR D 6 16.21 -9.27 12.92
N NO3 E . -16.42 19.37 5.28
N NO3 E . -16.00 19.32 5.59
O1 NO3 E . -16.43 18.54 6.23
O1 NO3 E . -16.09 19.92 6.70
O2 NO3 E . -15.53 20.27 5.24
O2 NO3 E . -15.03 19.56 4.83
O3 NO3 E . -17.29 19.29 4.37
O3 NO3 E . -16.89 18.47 5.26
S SO4 F . -15.35 21.64 -2.11
O1 SO4 F . -16.39 22.52 -1.57
O2 SO4 F . -15.87 20.28 -2.20
O3 SO4 F . -14.96 22.11 -3.44
O4 SO4 F . -14.19 21.67 -1.22
N NO3 G . 16.15 -20.10 -6.42
N NO3 G . 16.38 -20.06 -5.81
O1 NO3 G . 16.09 -20.43 -7.63
O1 NO3 G . 17.40 -20.76 -5.64
O2 NO3 G . 15.41 -20.70 -5.57
O2 NO3 G . 15.51 -20.04 -4.89
O3 NO3 G . 16.91 -19.17 -6.04
O3 NO3 G . 16.24 -19.41 -6.87
N NO3 H . 9.93 -23.77 -8.51
N NO3 H . 9.76 -23.84 -8.60
O1 NO3 H . 10.33 -22.99 -9.43
O1 NO3 H . 10.83 -24.48 -8.87
O2 NO3 H . 9.02 -24.62 -8.74
O2 NO3 H . 9.27 -23.88 -7.43
O3 NO3 H . 10.45 -23.71 -7.36
O3 NO3 H . 9.19 -23.15 -9.49
N NO3 I . 22.91 -3.19 4.91
O1 NO3 I . 22.83 -4.33 4.39
O2 NO3 I . 23.50 -3.05 6.03
O3 NO3 I . 22.40 -2.19 4.34
N NO3 J . -1.03 -17.34 -0.32
N NO3 J . -0.20 -17.27 0.73
O1 NO3 J . -2.16 -16.91 0.07
O1 NO3 J . -1.03 -18.22 0.81
O2 NO3 J . -0.35 -18.09 0.43
O2 NO3 J . 0.50 -16.97 1.75
O3 NO3 J . -0.59 -17.01 -1.46
O3 NO3 J . -0.07 -16.62 -0.34
#